data_3EEM
#
_entry.id   3EEM
#
_cell.length_a   42.822
_cell.length_b   42.822
_cell.length_c   231.532
_cell.angle_alpha   90.000
_cell.angle_beta   90.000
_cell.angle_gamma   90.000
#
_symmetry.space_group_name_H-M   'P 41'
#
loop_
_entity.id
_entity.type
_entity.pdbx_description
1 polymer 'Dihydrofolate reductase'
2 non-polymer 'NADPH DIHYDRO-NICOTINAMIDE-ADENINE-DINUCLEOTIDE PHOSPHATE'
3 non-polymer "5-[(3R)-3-(5-methoxy-2',6'-dimethylbiphenyl-3-yl)but-1-yn-1-yl]-6-methylpyrimidine-2,4-diamine"
4 water water
#
_entity_poly.entity_id   1
_entity_poly.type   'polypeptide(L)'
_entity_poly.pdbx_seq_one_letter_code
;MSKVPVVGIVAALLPEMGIGFQGNLPWRLAKEMKYFREVTTLTNDNSKQNVVIMGRKTWESIPQKFRPLPKRINVVVSRS
FDGELRKVEDGIYHSNSLRNCLTALQSSLANENKIERIYIIGGGEIYRQSMDLADHWLITKIMPLPETTIPQMDTFLQKQ
ELEQRFYDNSDKLVDFLPSSIQLEGRLTSQEWNGELVKGLPVQEKGYQFYFTLYTKKLEHHHHHHHH
;
_entity_poly.pdbx_strand_id   A,B
#
loop_
_chem_comp.id
_chem_comp.type
_chem_comp.name
_chem_comp.formula
53V non-polymer 5-[(3R)-3-(5-methoxy-2',6'-dimethylbiphenyl-3-yl)but-1-yn-1-yl]-6-methylpyrimidine-2,4-diamine 'C24 H26 N4 O'
NDP non-polymer 'NADPH DIHYDRO-NICOTINAMIDE-ADENINE-DINUCLEOTIDE PHOSPHATE' 'C21 H30 N7 O17 P3'
#
# COMPACT_ATOMS: atom_id res chain seq x y z
N LYS A 3 -11.30 -8.04 -10.76
CA LYS A 3 -11.67 -8.96 -11.89
C LYS A 3 -11.03 -8.68 -13.26
N VAL A 4 -10.50 -7.48 -13.52
CA VAL A 4 -9.55 -7.36 -14.65
C VAL A 4 -8.11 -7.34 -14.11
N PRO A 5 -7.16 -8.02 -14.77
CA PRO A 5 -5.80 -8.02 -14.18
C PRO A 5 -5.15 -6.63 -14.10
N VAL A 6 -4.45 -6.37 -12.98
CA VAL A 6 -3.58 -5.18 -12.79
C VAL A 6 -2.13 -5.63 -12.90
N VAL A 7 -1.44 -5.08 -13.91
CA VAL A 7 -0.12 -5.51 -14.31
C VAL A 7 0.84 -4.32 -14.32
N GLY A 8 1.84 -4.41 -13.47
CA GLY A 8 2.90 -3.43 -13.44
C GLY A 8 3.83 -3.70 -14.61
N ILE A 9 4.24 -2.66 -15.33
CA ILE A 9 5.12 -2.90 -16.46
C ILE A 9 6.24 -1.84 -16.47
N VAL A 10 7.48 -2.33 -16.57
CA VAL A 10 8.65 -1.49 -16.25
C VAL A 10 9.89 -2.05 -16.95
N ALA A 11 10.86 -1.18 -17.25
CA ALA A 11 12.17 -1.59 -17.75
C ALA A 11 13.21 -1.19 -16.68
N ALA A 12 13.94 -2.17 -16.15
CA ALA A 12 14.82 -1.92 -15.01
C ALA A 12 16.23 -2.44 -15.32
N LEU A 13 17.25 -1.65 -14.97
CA LEU A 13 18.67 -2.04 -15.04
C LEU A 13 19.19 -2.84 -13.86
N LEU A 14 19.66 -4.05 -14.08
CA LEU A 14 20.18 -4.84 -12.96
C LEU A 14 21.55 -4.30 -12.57
N PRO A 15 22.02 -4.56 -11.34
CA PRO A 15 21.35 -5.33 -10.25
C PRO A 15 20.49 -4.46 -9.31
N GLU A 16 20.61 -3.14 -9.41
CA GLU A 16 19.84 -2.17 -8.56
C GLU A 16 18.42 -1.90 -9.02
N MET A 17 18.08 -2.31 -10.24
CA MET A 17 16.74 -2.08 -10.79
C MET A 17 16.50 -0.59 -10.97
N GLY A 18 17.51 0.09 -11.47
CA GLY A 18 17.38 1.53 -11.81
C GLY A 18 16.41 1.67 -12.97
N ILE A 19 15.55 2.69 -12.94
CA ILE A 19 14.52 2.92 -13.99
C ILE A 19 14.48 4.35 -14.61
N GLY A 20 15.19 5.31 -14.00
CA GLY A 20 15.13 6.70 -14.48
C GLY A 20 16.26 7.58 -13.91
N PHE A 21 16.45 8.77 -14.49
CA PHE A 21 17.46 9.70 -14.07
C PHE A 21 16.97 11.06 -14.55
N GLN A 22 16.89 12.02 -13.63
CA GLN A 22 16.50 13.41 -13.96
C GLN A 22 15.24 13.54 -14.80
N GLY A 23 14.24 12.69 -14.51
CA GLY A 23 12.90 12.81 -15.12
C GLY A 23 12.68 12.04 -16.41
N ASN A 24 13.71 11.30 -16.83
CA ASN A 24 13.71 10.58 -18.09
C ASN A 24 14.23 9.20 -17.88
N LEU A 25 13.97 8.36 -18.87
CA LEU A 25 14.48 7.01 -18.95
C LEU A 25 16.00 7.10 -19.20
N PRO A 26 16.80 6.20 -18.58
CA PRO A 26 18.28 6.25 -18.70
C PRO A 26 18.88 5.63 -20.00
N TRP A 27 18.03 5.11 -20.86
CA TRP A 27 18.41 4.57 -22.17
C TRP A 27 17.28 4.88 -23.17
N ARG A 28 17.57 4.63 -24.43
CA ARG A 28 16.57 4.73 -25.47
C ARG A 28 16.79 3.50 -26.31
N LEU A 29 15.89 2.54 -26.13
CA LEU A 29 16.01 1.25 -26.74
C LEU A 29 14.72 1.00 -27.52
N ALA A 30 14.82 1.07 -28.87
CA ALA A 30 13.61 1.10 -29.72
C ALA A 30 12.89 -0.23 -29.62
N LYS A 31 13.65 -1.27 -29.36
CA LYS A 31 13.10 -2.60 -29.21
C LYS A 31 12.31 -2.87 -27.94
N GLU A 32 12.80 -2.25 -26.88
CA GLU A 32 12.18 -2.36 -25.61
C GLU A 32 10.88 -1.52 -25.73
N MET A 33 10.97 -0.27 -26.25
CA MET A 33 9.79 0.55 -26.48
C MET A 33 8.69 -0.15 -27.30
N LYS A 34 9.07 -0.91 -28.32
CA LYS A 34 8.13 -1.60 -29.19
C LYS A 34 7.39 -2.67 -28.41
N TYR A 35 8.12 -3.48 -27.64
CA TYR A 35 7.52 -4.38 -26.66
C TYR A 35 6.51 -3.68 -25.78
N PHE A 36 6.93 -2.63 -25.06
CA PHE A 36 5.99 -1.94 -24.16
C PHE A 36 4.73 -1.47 -24.94
N ARG A 37 4.97 -0.87 -26.11
CA ARG A 37 3.89 -0.43 -26.96
C ARG A 37 2.90 -1.55 -27.31
N GLU A 38 3.41 -2.61 -27.90
CA GLU A 38 2.58 -3.73 -28.26
C GLU A 38 1.82 -4.41 -27.10
N VAL A 39 2.47 -4.55 -25.96
CA VAL A 39 1.88 -5.32 -24.87
C VAL A 39 0.71 -4.52 -24.29
N THR A 40 0.95 -3.23 -24.05
CA THR A 40 -0.07 -2.34 -23.49
C THR A 40 -1.17 -2.02 -24.48
N THR A 41 -0.87 -2.02 -25.78
CA THR A 41 -1.91 -1.77 -26.82
C THR A 41 -2.77 -2.96 -27.11
N LEU A 42 -2.14 -4.04 -27.55
CA LEU A 42 -2.80 -5.28 -27.97
C LEU A 42 -3.69 -5.98 -26.93
N THR A 43 -4.79 -6.55 -27.44
CA THR A 43 -5.77 -7.25 -26.60
C THR A 43 -6.08 -8.61 -27.25
N ASN A 44 -6.47 -9.59 -26.45
CA ASN A 44 -6.95 -10.86 -26.99
C ASN A 44 -8.33 -10.65 -27.56
N ASP A 45 -9.09 -9.72 -26.99
CA ASP A 45 -10.42 -9.46 -27.46
C ASP A 45 -10.45 -8.09 -28.17
N ASN A 46 -10.72 -8.10 -29.49
CA ASN A 46 -10.64 -6.88 -30.39
C ASN A 46 -11.56 -5.73 -30.04
N SER A 47 -12.65 -6.03 -29.35
CA SER A 47 -13.58 -4.99 -28.89
C SER A 47 -13.20 -4.38 -27.54
N LYS A 48 -12.13 -4.87 -26.88
CA LYS A 48 -11.62 -4.17 -25.66
C LYS A 48 -10.36 -3.30 -25.89
N GLN A 49 -10.08 -2.39 -24.96
CA GLN A 49 -8.76 -1.70 -24.85
C GLN A 49 -8.18 -2.00 -23.51
N ASN A 50 -6.89 -1.67 -23.34
CA ASN A 50 -6.27 -1.67 -22.00
C ASN A 50 -6.22 -0.25 -21.44
N VAL A 51 -6.07 -0.17 -20.12
CA VAL A 51 -5.86 1.12 -19.48
C VAL A 51 -4.34 1.20 -19.23
N VAL A 52 -3.79 2.40 -19.32
CA VAL A 52 -2.42 2.69 -18.85
C VAL A 52 -2.57 3.81 -17.82
N ILE A 53 -2.07 3.50 -16.61
CA ILE A 53 -2.14 4.42 -15.48
C ILE A 53 -0.72 4.94 -15.17
N MET A 54 -0.59 6.24 -14.98
CA MET A 54 0.78 6.79 -14.74
C MET A 54 0.72 8.00 -13.79
N GLY A 55 1.79 8.23 -13.02
CA GLY A 55 1.81 9.46 -12.23
C GLY A 55 2.06 10.71 -13.09
N ARG A 56 1.72 11.86 -12.52
CA ARG A 56 1.82 13.14 -13.22
C ARG A 56 3.22 13.37 -13.84
N LYS A 57 4.28 12.99 -13.11
CA LYS A 57 5.61 13.32 -13.57
C LYS A 57 6.02 12.50 -14.78
N THR A 58 5.62 11.22 -14.78
CA THR A 58 5.78 10.34 -15.95
C THR A 58 5.08 10.90 -17.22
N TRP A 59 3.80 11.29 -17.04
CA TRP A 59 3.00 11.92 -18.11
C TRP A 59 3.76 13.12 -18.72
N GLU A 60 4.29 13.99 -17.86
CA GLU A 60 5.01 15.17 -18.30
C GLU A 60 6.32 14.86 -19.05
N SER A 61 6.86 13.68 -18.87
CA SER A 61 8.06 13.28 -19.60
C SER A 61 7.80 12.70 -20.99
N ILE A 62 6.58 12.21 -21.26
CA ILE A 62 6.31 11.64 -22.56
C ILE A 62 6.30 12.77 -23.60
N PRO A 63 7.04 12.62 -24.73
CA PRO A 63 6.93 13.73 -25.70
C PRO A 63 5.50 14.09 -26.09
N GLN A 64 5.26 15.39 -26.13
CA GLN A 64 3.94 15.98 -26.49
C GLN A 64 3.16 15.41 -27.68
N LYS A 65 3.85 15.04 -28.75
CA LYS A 65 3.21 14.48 -29.94
C LYS A 65 2.78 13.07 -29.68
N PHE A 66 3.38 12.44 -28.67
CA PHE A 66 3.13 11.02 -28.41
C PHE A 66 2.13 10.78 -27.27
N ARG A 67 1.64 11.83 -26.64
CA ARG A 67 0.65 11.65 -25.60
C ARG A 67 -0.69 12.30 -26.02
N PRO A 68 -1.82 11.69 -25.61
CA PRO A 68 -1.89 10.49 -24.78
C PRO A 68 -1.50 9.24 -25.62
N LEU A 69 -1.02 8.19 -24.96
CA LEU A 69 -0.58 7.00 -25.72
C LEU A 69 -1.76 6.46 -26.46
N PRO A 70 -1.63 6.32 -27.79
CA PRO A 70 -2.72 5.87 -28.66
C PRO A 70 -3.30 4.52 -28.38
N LYS A 71 -4.62 4.42 -28.52
CA LYS A 71 -5.35 3.18 -28.59
C LYS A 71 -5.39 2.49 -27.22
N ARG A 72 -5.03 3.26 -26.20
CA ARG A 72 -5.21 2.84 -24.81
C ARG A 72 -5.89 3.95 -24.03
N ILE A 73 -6.69 3.56 -23.04
CA ILE A 73 -7.24 4.52 -22.10
C ILE A 73 -6.11 5.00 -21.16
N ASN A 74 -5.81 6.30 -21.20
CA ASN A 74 -4.74 6.89 -20.36
C ASN A 74 -5.32 7.45 -19.10
N VAL A 75 -4.74 7.07 -17.96
CA VAL A 75 -5.07 7.71 -16.69
C VAL A 75 -3.85 8.40 -16.06
N VAL A 76 -4.00 9.66 -15.70
CA VAL A 76 -2.90 10.41 -15.05
C VAL A 76 -3.33 10.72 -13.62
N VAL A 77 -2.48 10.41 -12.64
CA VAL A 77 -2.77 10.62 -11.24
C VAL A 77 -1.96 11.79 -10.69
N SER A 78 -2.69 12.74 -10.11
CA SER A 78 -2.08 13.91 -9.42
C SER A 78 -2.96 14.18 -8.23
N ARG A 79 -2.36 14.47 -7.10
CA ARG A 79 -3.12 14.85 -5.91
C ARG A 79 -3.80 16.20 -6.02
N SER A 80 -3.40 17.01 -7.01
CA SER A 80 -4.08 18.28 -7.24
C SER A 80 -5.27 18.19 -8.26
N PHE A 81 -5.55 16.96 -8.72
CA PHE A 81 -6.68 16.69 -9.58
C PHE A 81 -7.92 16.52 -8.68
N ASP A 82 -9.11 16.34 -9.29
CA ASP A 82 -10.44 16.49 -8.63
C ASP A 82 -11.15 15.30 -8.01
N GLY A 83 -11.14 14.14 -8.69
CA GLY A 83 -12.01 12.92 -8.49
C GLY A 83 -11.02 11.79 -8.34
N GLU A 84 -11.35 10.63 -7.70
CA GLU A 84 -11.26 9.31 -8.45
C GLU A 84 -11.14 9.01 -9.93
N LEU A 85 -11.92 9.64 -10.82
CA LEU A 85 -11.82 9.30 -12.22
C LEU A 85 -12.73 10.15 -13.09
N ARG A 86 -12.13 11.08 -13.84
CA ARG A 86 -12.87 12.11 -14.53
C ARG A 86 -12.27 12.20 -15.94
N LYS A 87 -13.10 12.15 -16.98
CA LYS A 87 -12.61 12.40 -18.35
C LYS A 87 -12.26 13.85 -18.40
N VAL A 88 -11.08 14.18 -18.91
CA VAL A 88 -10.71 15.56 -19.10
C VAL A 88 -10.52 15.92 -20.59
N GLU A 89 -10.23 14.93 -21.44
CA GLU A 89 -9.99 15.12 -22.89
C GLU A 89 -10.20 13.79 -23.50
N ASP A 90 -10.25 13.73 -24.84
CA ASP A 90 -10.37 12.45 -25.51
C ASP A 90 -9.16 11.57 -25.19
N GLY A 91 -9.41 10.38 -24.63
CA GLY A 91 -8.31 9.45 -24.33
C GLY A 91 -7.64 9.74 -22.99
N ILE A 92 -8.10 10.79 -22.29
CA ILE A 92 -7.51 11.20 -21.00
C ILE A 92 -8.43 11.33 -19.80
N TYR A 93 -8.11 10.56 -18.76
CA TYR A 93 -8.69 10.71 -17.42
C TYR A 93 -7.70 11.19 -16.40
N HIS A 94 -8.21 12.04 -15.54
CA HIS A 94 -7.46 12.46 -14.37
C HIS A 94 -7.95 11.79 -13.09
N SER A 95 -7.01 11.44 -12.23
CA SER A 95 -7.38 10.90 -10.91
C SER A 95 -6.57 11.51 -9.76
N ASN A 96 -7.22 11.79 -8.63
CA ASN A 96 -6.46 12.22 -7.45
C ASN A 96 -6.02 11.06 -6.52
N SER A 97 -6.19 9.82 -7.00
CA SER A 97 -5.99 8.63 -6.18
C SER A 97 -5.71 7.38 -7.00
N LEU A 98 -4.45 6.92 -7.02
CA LEU A 98 -4.10 5.61 -7.57
C LEU A 98 -5.10 4.49 -7.19
N ARG A 99 -5.23 4.28 -5.87
CA ARG A 99 -6.17 3.30 -5.30
C ARG A 99 -7.63 3.47 -5.70
N ASN A 100 -8.17 4.67 -5.61
CA ASN A 100 -9.60 4.81 -5.89
C ASN A 100 -9.75 4.70 -7.43
N CYS A 101 -8.77 5.19 -8.20
CA CYS A 101 -8.99 5.06 -9.64
C CYS A 101 -9.05 3.61 -10.08
N LEU A 102 -8.25 2.73 -9.48
CA LEU A 102 -8.33 1.30 -9.76
C LEU A 102 -9.71 0.65 -9.41
N THR A 103 -10.24 0.99 -8.23
CA THR A 103 -11.60 0.55 -7.85
C THR A 103 -12.67 1.10 -8.83
N ALA A 104 -12.54 2.38 -9.19
CA ALA A 104 -13.38 2.96 -10.23
C ALA A 104 -13.22 2.19 -11.54
N LEU A 105 -11.98 1.99 -12.01
CA LEU A 105 -11.79 1.22 -13.25
C LEU A 105 -12.37 -0.22 -13.25
N GLN A 106 -12.41 -0.87 -12.08
CA GLN A 106 -12.91 -2.23 -11.92
C GLN A 106 -14.46 -2.45 -11.92
N SER A 107 -15.21 -1.36 -11.78
CA SER A 107 -16.65 -1.41 -11.80
C SER A 107 -17.13 -1.79 -13.20
N SER A 108 -17.73 -2.98 -13.30
CA SER A 108 -18.32 -3.48 -14.53
C SER A 108 -19.41 -2.53 -15.03
N LEU A 109 -20.08 -1.84 -14.10
CA LEU A 109 -21.10 -0.89 -14.53
C LEU A 109 -20.47 0.27 -15.31
N ALA A 110 -19.36 0.82 -14.80
CA ALA A 110 -18.66 1.92 -15.51
C ALA A 110 -17.96 1.41 -16.78
N ASN A 111 -17.35 0.22 -16.68
CA ASN A 111 -16.39 -0.20 -17.69
C ASN A 111 -16.99 -1.11 -18.77
N GLU A 112 -18.21 -1.60 -18.49
CA GLU A 112 -19.00 -2.46 -19.39
C GLU A 112 -18.24 -3.75 -19.82
N ASN A 113 -17.32 -4.19 -18.97
CA ASN A 113 -16.45 -5.31 -19.28
C ASN A 113 -15.74 -5.08 -20.63
N LYS A 114 -15.38 -3.84 -20.94
CA LYS A 114 -14.58 -3.57 -22.14
C LYS A 114 -13.11 -3.07 -21.95
N ILE A 115 -12.56 -3.21 -20.73
CA ILE A 115 -11.10 -3.09 -20.37
C ILE A 115 -10.83 -4.56 -20.32
N GLU A 116 -9.94 -5.07 -21.14
CA GLU A 116 -8.99 -6.15 -20.83
C GLU A 116 -8.02 -6.21 -19.69
N ARG A 117 -6.99 -5.34 -19.67
CA ARG A 117 -6.11 -5.26 -18.51
C ARG A 117 -5.84 -3.82 -18.18
N ILE A 118 -5.41 -3.60 -16.96
CA ILE A 118 -4.93 -2.32 -16.42
C ILE A 118 -3.40 -2.43 -16.23
N TYR A 119 -2.66 -1.69 -17.06
CA TYR A 119 -1.21 -1.50 -16.99
C TYR A 119 -0.83 -0.26 -16.20
N ILE A 120 -0.09 -0.52 -15.13
CA ILE A 120 0.59 0.55 -14.39
C ILE A 120 2.01 0.77 -14.96
N ILE A 121 2.20 1.97 -15.52
CA ILE A 121 3.32 2.23 -16.45
C ILE A 121 4.32 3.25 -15.83
N GLY A 122 4.18 3.54 -14.52
CA GLY A 122 5.23 4.29 -13.77
C GLY A 122 4.74 5.62 -13.25
N GLY A 123 5.57 6.43 -12.56
CA GLY A 123 7.03 6.18 -12.38
C GLY A 123 7.38 5.58 -11.01
N GLY A 124 8.56 5.91 -10.47
CA GLY A 124 9.09 5.44 -9.15
C GLY A 124 8.05 5.45 -8.03
N GLU A 125 7.45 6.63 -7.78
CA GLU A 125 6.45 6.81 -6.73
C GLU A 125 5.27 5.94 -6.96
N ILE A 126 4.77 5.96 -8.21
CA ILE A 126 3.58 5.12 -8.54
C ILE A 126 3.88 3.67 -8.29
N TYR A 127 5.02 3.21 -8.82
CA TYR A 127 5.49 1.81 -8.58
C TYR A 127 5.66 1.35 -7.13
N ARG A 128 6.28 2.19 -6.29
CA ARG A 128 6.36 2.00 -4.80
C ARG A 128 4.99 1.58 -4.26
N GLN A 129 3.97 2.30 -4.72
CA GLN A 129 2.61 2.14 -4.23
C GLN A 129 1.91 0.95 -4.88
N SER A 130 2.50 0.36 -5.91
CA SER A 130 1.77 -0.68 -6.64
C SER A 130 2.09 -2.09 -6.25
N MET A 131 3.09 -2.28 -5.39
CA MET A 131 3.48 -3.66 -5.00
C MET A 131 2.32 -4.41 -4.37
N ASP A 132 1.45 -3.73 -3.62
CA ASP A 132 0.36 -4.52 -3.05
C ASP A 132 -0.89 -4.36 -3.85
N LEU A 133 -0.81 -3.77 -5.05
CA LEU A 133 -1.98 -3.60 -5.93
C LEU A 133 -1.91 -4.53 -7.14
N ALA A 134 -0.73 -4.69 -7.72
CA ALA A 134 -0.57 -5.45 -8.96
C ALA A 134 -0.70 -6.96 -8.78
N ASP A 135 -1.36 -7.61 -9.75
CA ASP A 135 -1.42 -9.05 -9.80
C ASP A 135 -0.10 -9.66 -10.36
N HIS A 136 0.55 -8.96 -11.30
CA HIS A 136 1.73 -9.45 -11.98
C HIS A 136 2.62 -8.27 -12.22
N TRP A 137 3.89 -8.55 -12.52
CA TRP A 137 4.82 -7.53 -13.01
C TRP A 137 5.50 -8.04 -14.29
N LEU A 138 5.47 -7.21 -15.31
CA LEU A 138 6.26 -7.48 -16.52
C LEU A 138 7.47 -6.56 -16.40
N ILE A 139 8.62 -7.16 -16.23
CA ILE A 139 9.83 -6.41 -15.96
C ILE A 139 10.80 -6.77 -17.04
N THR A 140 11.27 -5.76 -17.75
CA THR A 140 12.35 -5.94 -18.71
C THR A 140 13.65 -5.79 -17.93
N LYS A 141 14.40 -6.87 -17.81
CA LYS A 141 15.62 -6.83 -17.01
C LYS A 141 16.80 -6.47 -17.93
N ILE A 142 17.35 -5.28 -17.72
CA ILE A 142 18.38 -4.77 -18.58
C ILE A 142 19.80 -4.83 -17.90
N MET A 143 20.80 -5.19 -18.69
CA MET A 143 22.17 -5.38 -18.27
C MET A 143 23.04 -4.76 -19.33
N PRO A 144 23.95 -3.86 -18.94
CA PRO A 144 24.92 -3.34 -19.91
C PRO A 144 25.86 -4.47 -20.33
N LEU A 145 26.12 -4.58 -21.61
CA LEU A 145 27.17 -5.50 -22.11
C LEU A 145 28.58 -5.08 -21.55
N PRO A 146 29.60 -5.98 -21.60
CA PRO A 146 30.89 -5.76 -20.92
C PRO A 146 31.59 -4.44 -21.16
N GLU A 147 31.57 -3.92 -22.38
CA GLU A 147 32.25 -2.63 -22.58
C GLU A 147 31.26 -1.44 -22.58
N THR A 148 30.05 -1.66 -22.08
CA THR A 148 29.08 -0.58 -21.94
C THR A 148 29.19 0.14 -20.61
N THR A 149 29.23 1.45 -20.66
CA THR A 149 29.19 2.24 -19.47
C THR A 149 27.81 2.11 -18.77
N ILE A 150 27.83 1.86 -17.47
CA ILE A 150 26.59 1.85 -16.67
C ILE A 150 26.04 3.26 -16.58
N PRO A 151 24.75 3.47 -17.00
CA PRO A 151 24.27 4.86 -16.97
C PRO A 151 23.95 5.27 -15.53
N GLN A 152 23.98 6.56 -15.26
CA GLN A 152 23.65 7.09 -13.92
C GLN A 152 22.12 7.00 -13.74
N MET A 153 21.62 6.92 -12.51
CA MET A 153 20.19 6.77 -12.28
C MET A 153 19.89 7.14 -10.87
N ASP A 154 18.63 7.38 -10.53
CA ASP A 154 18.20 8.31 -9.49
C ASP A 154 16.82 7.80 -8.97
N THR A 155 16.34 6.74 -9.64
CA THR A 155 14.99 6.19 -9.41
C THR A 155 15.08 4.69 -9.59
N PHE A 156 14.49 3.96 -8.64
CA PHE A 156 14.66 2.52 -8.50
C PHE A 156 13.31 1.78 -8.23
N LEU A 157 13.19 0.60 -8.82
CA LEU A 157 12.13 -0.35 -8.48
C LEU A 157 12.52 -1.01 -7.13
N GLN A 158 11.53 -1.28 -6.30
CA GLN A 158 11.79 -1.82 -4.97
C GLN A 158 11.91 -3.32 -5.08
N LYS A 159 13.14 -3.77 -5.39
CA LYS A 159 13.40 -5.18 -5.65
C LYS A 159 13.12 -5.99 -4.40
N GLN A 160 13.34 -5.41 -3.23
CA GLN A 160 13.15 -6.19 -1.99
C GLN A 160 11.69 -6.58 -1.98
N GLU A 161 10.85 -5.57 -2.17
CA GLU A 161 9.43 -5.77 -2.00
C GLU A 161 8.75 -6.54 -3.10
N LEU A 162 9.09 -6.30 -4.36
CA LEU A 162 9.16 -7.37 -5.39
C LEU A 162 9.33 -8.84 -5.03
N GLU A 163 10.47 -9.16 -4.47
CA GLU A 163 10.78 -10.54 -4.28
C GLU A 163 10.30 -11.19 -3.01
N GLN A 164 9.99 -10.47 -1.94
CA GLN A 164 8.81 -10.71 -1.09
C GLN A 164 7.47 -11.21 -1.54
N ARG A 165 6.88 -10.54 -2.53
CA ARG A 165 5.47 -10.75 -2.82
C ARG A 165 5.28 -11.56 -4.10
N PHE A 166 6.29 -11.51 -4.98
CA PHE A 166 6.15 -12.12 -6.30
C PHE A 166 7.25 -13.13 -6.57
N TYR A 167 6.98 -14.08 -7.43
CA TYR A 167 8.04 -15.00 -7.85
C TYR A 167 8.22 -14.85 -9.33
N ASP A 168 9.34 -15.36 -9.84
CA ASP A 168 9.67 -15.25 -11.25
C ASP A 168 8.88 -16.34 -11.97
N ASN A 169 7.90 -15.92 -12.77
CA ASN A 169 6.99 -16.81 -13.54
C ASN A 169 7.24 -16.68 -15.04
N SER A 170 8.47 -16.33 -15.42
CA SER A 170 8.82 -16.10 -16.79
C SER A 170 8.63 -17.36 -17.68
N ASP A 171 8.50 -18.54 -17.08
CA ASP A 171 8.11 -19.74 -17.88
C ASP A 171 6.73 -19.50 -18.51
N LYS A 172 5.93 -18.60 -17.96
CA LYS A 172 4.60 -18.45 -18.50
C LYS A 172 4.47 -17.13 -19.22
N LEU A 173 5.61 -16.46 -19.40
CA LEU A 173 5.54 -15.16 -20.03
C LEU A 173 4.83 -15.20 -21.41
N VAL A 174 5.27 -16.09 -22.30
CA VAL A 174 4.68 -16.24 -23.64
C VAL A 174 3.16 -16.43 -23.66
N ASP A 175 2.65 -17.31 -22.81
CA ASP A 175 1.24 -17.52 -22.71
C ASP A 175 0.50 -16.30 -22.13
N PHE A 176 1.18 -15.52 -21.29
CA PHE A 176 0.60 -14.34 -20.64
C PHE A 176 0.39 -13.19 -21.62
N LEU A 177 1.27 -13.04 -22.63
CA LEU A 177 1.18 -11.90 -23.55
C LEU A 177 0.01 -11.99 -24.53
N PRO A 178 -0.46 -10.82 -25.08
CA PRO A 178 -1.59 -10.91 -26.00
C PRO A 178 -1.16 -11.80 -27.18
N SER A 179 -2.09 -12.57 -27.68
CA SER A 179 -1.76 -13.74 -28.45
C SER A 179 -1.18 -13.45 -29.83
N SER A 180 -1.16 -12.18 -30.22
CA SER A 180 -0.64 -11.82 -31.54
C SER A 180 0.77 -11.17 -31.49
N ILE A 181 1.33 -11.04 -30.30
CA ILE A 181 2.68 -10.45 -30.18
C ILE A 181 3.66 -11.50 -30.68
N GLN A 182 4.74 -11.02 -31.30
CA GLN A 182 5.78 -11.94 -31.73
C GLN A 182 7.13 -11.49 -31.18
N LEU A 183 7.79 -12.46 -30.56
CA LEU A 183 9.03 -12.21 -29.84
C LEU A 183 10.18 -12.85 -30.59
N GLU A 184 11.30 -12.16 -30.65
CA GLU A 184 12.48 -12.66 -31.37
C GLU A 184 13.22 -13.80 -30.68
N GLY A 185 13.21 -13.86 -29.35
CA GLY A 185 14.03 -14.87 -28.64
C GLY A 185 13.26 -16.05 -28.08
N ARG A 186 13.97 -17.11 -27.72
CA ARG A 186 13.35 -18.20 -26.92
C ARG A 186 13.76 -18.04 -25.47
N LEU A 187 13.04 -18.71 -24.58
CA LEU A 187 13.35 -18.60 -23.16
C LEU A 187 14.67 -19.25 -22.68
N THR A 188 15.30 -18.71 -21.64
CA THR A 188 16.79 -18.53 -21.57
C THR A 188 16.98 -18.21 -20.06
N SER A 189 17.75 -19.07 -19.36
CA SER A 189 18.21 -18.82 -17.98
C SER A 189 19.72 -18.54 -17.97
N GLN A 190 20.12 -17.38 -17.46
CA GLN A 190 21.51 -16.96 -17.55
C GLN A 190 21.90 -16.35 -16.23
N GLU A 191 23.06 -16.74 -15.74
CA GLU A 191 23.57 -16.10 -14.55
C GLU A 191 24.21 -14.75 -14.87
N TRP A 192 23.89 -13.74 -14.06
CA TRP A 192 24.49 -12.42 -14.27
C TRP A 192 24.72 -11.74 -12.96
N ASN A 193 25.99 -11.44 -12.72
CA ASN A 193 26.47 -10.94 -11.43
C ASN A 193 25.84 -11.48 -10.20
N GLY A 194 25.80 -12.81 -10.13
CA GLY A 194 25.31 -13.46 -8.95
C GLY A 194 23.79 -13.66 -8.85
N GLU A 195 23.02 -13.22 -9.87
CA GLU A 195 21.57 -13.51 -9.97
C GLU A 195 21.12 -14.38 -11.17
N LEU A 196 20.04 -15.14 -11.00
CA LEU A 196 19.45 -15.88 -12.10
C LEU A 196 18.54 -14.92 -12.90
N VAL A 197 18.85 -14.76 -14.18
CA VAL A 197 18.03 -13.96 -15.08
C VAL A 197 17.35 -14.89 -16.08
N LYS A 198 16.02 -14.95 -16.03
CA LYS A 198 15.27 -15.85 -16.95
C LYS A 198 14.20 -15.05 -17.74
N GLY A 199 14.01 -15.36 -19.02
CA GLY A 199 13.06 -14.64 -19.87
C GLY A 199 13.45 -14.72 -21.34
N LEU A 200 13.03 -13.72 -22.10
CA LEU A 200 13.21 -13.72 -23.54
C LEU A 200 14.26 -12.68 -23.90
N PRO A 201 15.40 -13.11 -24.48
CA PRO A 201 16.61 -12.27 -24.74
C PRO A 201 16.31 -11.28 -25.91
N VAL A 202 16.67 -10.01 -25.80
CA VAL A 202 17.25 -9.22 -26.84
C VAL A 202 18.51 -8.43 -26.55
N GLN A 203 19.20 -8.06 -27.64
CA GLN A 203 20.32 -7.12 -27.55
C GLN A 203 20.00 -5.93 -28.40
N GLU A 204 20.34 -4.75 -27.90
CA GLU A 204 20.30 -3.53 -28.71
C GLU A 204 21.22 -2.50 -28.06
N LYS A 205 21.91 -1.71 -28.88
CA LYS A 205 22.82 -0.68 -28.38
C LYS A 205 23.83 -1.38 -27.48
N GLY A 206 24.12 -0.82 -26.33
CA GLY A 206 25.17 -1.43 -25.46
C GLY A 206 24.66 -2.50 -24.48
N TYR A 207 23.41 -2.93 -24.69
CA TYR A 207 22.63 -3.68 -23.68
C TYR A 207 22.03 -4.99 -24.14
N GLN A 208 21.98 -5.94 -23.18
CA GLN A 208 21.20 -7.14 -23.30
C GLN A 208 19.99 -7.00 -22.35
N PHE A 209 18.82 -7.44 -22.78
CA PHE A 209 17.63 -7.35 -21.89
C PHE A 209 16.79 -8.58 -22.05
N TYR A 210 16.04 -8.90 -21.00
CA TYR A 210 15.18 -10.05 -20.92
C TYR A 210 13.81 -9.53 -20.54
N PHE A 211 12.84 -9.83 -21.37
CA PHE A 211 11.43 -9.82 -20.97
C PHE A 211 11.08 -10.93 -19.94
N THR A 212 10.71 -10.51 -18.73
CA THR A 212 10.31 -11.43 -17.62
C THR A 212 8.88 -11.12 -17.11
N LEU A 213 8.32 -12.08 -16.38
CA LEU A 213 6.99 -12.00 -15.77
C LEU A 213 7.14 -12.44 -14.32
N TYR A 214 6.64 -11.61 -13.42
CA TYR A 214 6.57 -11.93 -12.00
C TYR A 214 5.09 -12.08 -11.63
N THR A 215 4.82 -13.06 -10.79
CA THR A 215 3.43 -13.35 -10.38
C THR A 215 3.34 -13.43 -8.85
N LYS A 216 2.18 -13.07 -8.29
CA LYS A 216 1.96 -13.07 -6.84
C LYS A 216 2.24 -14.43 -6.21
N LYS A 217 2.99 -14.49 -5.12
CA LYS A 217 3.22 -15.83 -4.49
C LYS A 217 1.89 -16.37 -3.95
N LEU A 218 1.84 -17.67 -3.70
CA LEU A 218 0.61 -18.30 -3.16
C LEU A 218 0.43 -17.74 -1.72
N GLU A 219 -0.81 -17.67 -1.26
CA GLU A 219 -1.12 -17.05 -0.02
C GLU A 219 -2.00 -18.00 0.79
N HIS A 220 -1.62 -18.20 2.05
CA HIS A 220 -2.39 -18.89 3.06
C HIS A 220 -3.80 -18.29 3.24
N HIS A 221 -4.71 -19.11 3.79
CA HIS A 221 -6.10 -18.68 4.01
C HIS A 221 -6.21 -18.38 5.49
N HIS A 222 -6.11 -17.11 5.83
CA HIS A 222 -6.17 -16.68 7.22
C HIS A 222 -7.59 -16.28 7.63
N HIS A 223 -8.25 -15.50 6.76
CA HIS A 223 -9.62 -14.97 7.01
C HIS A 223 -10.19 -14.89 5.61
N HIS A 224 -11.40 -15.37 5.38
CA HIS A 224 -12.45 -14.73 4.58
C HIS A 224 -13.67 -14.01 5.17
N HIS A 225 -13.92 -12.80 4.67
CA HIS A 225 -15.00 -11.98 5.24
C HIS A 225 -16.37 -12.64 5.12
N HIS A 226 -17.01 -12.96 6.25
CA HIS A 226 -18.43 -13.37 6.25
C HIS A 226 -19.42 -12.32 6.80
N HIS A 227 -20.65 -12.38 6.32
CA HIS A 227 -21.74 -11.57 6.88
C HIS A 227 -22.38 -12.30 8.05
N LYS B 3 12.11 6.49 11.60
CA LYS B 3 12.79 5.78 12.68
C LYS B 3 11.85 5.89 13.86
N VAL B 4 10.84 6.75 13.72
CA VAL B 4 9.74 6.82 14.70
C VAL B 4 8.79 5.61 14.40
N PRO B 5 8.47 4.73 15.40
CA PRO B 5 7.53 3.60 15.13
C PRO B 5 6.15 4.08 14.66
N VAL B 6 5.59 3.40 13.65
CA VAL B 6 4.21 3.61 13.14
C VAL B 6 3.30 2.44 13.61
N VAL B 7 2.22 2.76 14.34
CA VAL B 7 1.49 1.74 15.06
C VAL B 7 0.02 2.01 14.73
N GLY B 8 -0.63 0.99 14.22
CA GLY B 8 -2.07 1.04 14.01
C GLY B 8 -2.72 0.68 15.32
N ILE B 9 -3.77 1.42 15.65
CA ILE B 9 -4.47 1.17 16.91
C ILE B 9 -5.98 1.17 16.63
N VAL B 10 -6.65 0.09 17.05
CA VAL B 10 -8.04 -0.15 16.65
C VAL B 10 -8.71 -1.07 17.66
N ALA B 11 -10.03 -0.94 17.80
CA ALA B 11 -10.86 -1.87 18.57
C ALA B 11 -11.74 -2.67 17.58
N ALA B 12 -11.62 -3.99 17.53
CA ALA B 12 -12.34 -4.80 16.53
C ALA B 12 -13.14 -5.92 17.17
N LEU B 13 -14.36 -6.15 16.67
CA LEU B 13 -15.20 -7.23 17.18
C LEU B 13 -14.97 -8.55 16.47
N LEU B 14 -14.70 -9.62 17.21
CA LEU B 14 -14.42 -10.93 16.59
C LEU B 14 -15.73 -11.58 16.23
N PRO B 15 -15.74 -12.55 15.26
CA PRO B 15 -14.63 -13.04 14.40
C PRO B 15 -14.34 -12.22 13.16
N GLU B 16 -15.29 -11.39 12.74
CA GLU B 16 -15.14 -10.59 11.49
C GLU B 16 -14.26 -9.32 11.64
N MET B 17 -13.93 -8.91 12.87
CA MET B 17 -13.07 -7.70 13.07
C MET B 17 -13.80 -6.45 12.58
N GLY B 18 -15.09 -6.40 12.93
CA GLY B 18 -15.96 -5.29 12.55
C GLY B 18 -15.51 -4.16 13.44
N ILE B 19 -15.49 -2.92 12.92
CA ILE B 19 -14.99 -1.73 13.68
C ILE B 19 -15.93 -0.52 13.66
N GLY B 20 -17.00 -0.59 12.85
CA GLY B 20 -17.84 0.59 12.68
C GLY B 20 -19.20 0.33 12.07
N PHE B 21 -20.13 1.25 12.33
CA PHE B 21 -21.45 1.15 11.68
C PHE B 21 -22.02 2.56 11.53
N GLN B 22 -22.42 2.90 10.33
CA GLN B 22 -22.97 4.22 10.00
C GLN B 22 -22.16 5.40 10.59
N GLY B 23 -20.83 5.39 10.37
CA GLY B 23 -20.00 6.56 10.73
C GLY B 23 -19.57 6.60 12.20
N ASN B 24 -20.08 5.67 13.00
CA ASN B 24 -19.77 5.57 14.42
C ASN B 24 -19.19 4.24 14.91
N LEU B 25 -18.63 4.27 16.10
CA LEU B 25 -18.19 3.06 16.81
C LEU B 25 -19.45 2.21 17.16
N PRO B 26 -19.36 0.85 17.04
CA PRO B 26 -20.53 -0.01 17.37
C PRO B 26 -20.80 -0.31 18.85
N TRP B 27 -20.05 0.30 19.75
CA TRP B 27 -20.16 0.08 21.20
C TRP B 27 -19.66 1.37 21.80
N ARG B 28 -20.01 1.58 23.06
CA ARG B 28 -19.51 2.72 23.84
C ARG B 28 -18.85 2.14 25.09
N LEU B 29 -17.52 2.01 25.07
CA LEU B 29 -16.90 1.32 26.18
C LEU B 29 -15.88 2.21 26.79
N ALA B 30 -16.15 2.64 28.04
CA ALA B 30 -15.34 3.64 28.65
C ALA B 30 -13.93 3.12 28.99
N LYS B 31 -13.77 1.85 29.32
CA LYS B 31 -12.45 1.29 29.62
C LYS B 31 -11.52 1.07 28.39
N GLU B 32 -12.17 0.76 27.29
CA GLU B 32 -11.51 0.63 26.02
C GLU B 32 -11.07 2.05 25.59
N MET B 33 -11.99 3.02 25.58
CA MET B 33 -11.64 4.39 25.25
C MET B 33 -10.49 4.98 26.16
N LYS B 34 -10.44 4.55 27.42
CA LYS B 34 -9.45 5.02 28.40
C LYS B 34 -8.07 4.51 27.99
N TYR B 35 -8.01 3.22 27.71
CA TYR B 35 -6.83 2.57 27.09
C TYR B 35 -6.32 3.31 25.83
N PHE B 36 -7.21 3.57 24.86
CA PHE B 36 -6.82 4.29 23.62
C PHE B 36 -6.25 5.71 24.00
N ARG B 37 -6.98 6.37 24.92
CA ARG B 37 -6.60 7.70 25.36
C ARG B 37 -5.23 7.68 25.94
N GLU B 38 -5.05 6.91 26.99
CA GLU B 38 -3.72 6.75 27.61
C GLU B 38 -2.59 6.31 26.70
N VAL B 39 -2.81 5.25 25.90
CA VAL B 39 -1.73 4.74 25.01
C VAL B 39 -1.28 5.81 24.02
N THR B 40 -2.24 6.47 23.39
CA THR B 40 -1.93 7.45 22.37
C THR B 40 -1.39 8.76 22.94
N THR B 41 -1.80 9.11 24.16
CA THR B 41 -1.31 10.32 24.87
C THR B 41 0.04 10.19 25.53
N LEU B 42 0.23 9.12 26.29
CA LEU B 42 1.44 8.94 27.11
C LEU B 42 2.70 8.65 26.26
N THR B 43 3.81 9.16 26.78
CA THR B 43 5.12 8.91 26.18
C THR B 43 6.09 8.41 27.27
N ASN B 44 7.15 7.72 26.86
CA ASN B 44 8.21 7.40 27.78
C ASN B 44 9.10 8.61 28.04
N ASP B 45 9.30 9.41 27.00
CA ASP B 45 10.07 10.65 27.10
C ASP B 45 9.09 11.84 27.20
N ASN B 46 9.14 12.61 28.29
CA ASN B 46 8.13 13.66 28.56
C ASN B 46 8.24 15.05 27.98
N SER B 47 9.37 15.49 27.41
CA SER B 47 9.61 16.10 26.10
C SER B 47 9.00 15.80 24.75
N LYS B 48 8.53 14.57 24.53
CA LYS B 48 7.86 14.22 23.28
C LYS B 48 6.34 14.20 23.38
N GLN B 49 5.68 14.19 22.22
CA GLN B 49 4.26 13.88 22.10
C GLN B 49 4.14 12.80 21.05
N ASN B 50 2.98 12.15 21.01
CA ASN B 50 2.63 11.26 19.88
C ASN B 50 1.81 12.01 18.85
N VAL B 51 1.90 11.50 17.63
CA VAL B 51 1.00 11.90 16.57
C VAL B 51 -0.19 10.92 16.49
N VAL B 52 -1.38 11.44 16.16
CA VAL B 52 -2.51 10.59 15.76
C VAL B 52 -2.92 11.02 14.39
N ILE B 53 -2.97 10.06 13.49
CA ILE B 53 -3.41 10.28 12.10
C ILE B 53 -4.77 9.59 11.81
N MET B 54 -5.67 10.30 11.17
CA MET B 54 -7.02 9.75 10.96
C MET B 54 -7.56 10.26 9.65
N GLY B 55 -8.39 9.45 9.01
CA GLY B 55 -9.07 9.94 7.82
C GLY B 55 -10.15 10.96 8.19
N ARG B 56 -10.59 11.71 7.18
CA ARG B 56 -11.51 12.81 7.38
C ARG B 56 -12.84 12.38 8.00
N LYS B 57 -13.36 11.23 7.56
CA LYS B 57 -14.61 10.73 8.14
C LYS B 57 -14.56 10.42 9.64
N THR B 58 -13.44 9.84 10.09
CA THR B 58 -13.20 9.59 11.48
C THR B 58 -13.13 10.89 12.26
N TRP B 59 -12.44 11.89 11.69
CA TRP B 59 -12.35 13.21 12.33
C TRP B 59 -13.75 13.80 12.56
N GLU B 60 -14.59 13.71 11.52
CA GLU B 60 -15.91 14.25 11.58
C GLU B 60 -16.81 13.48 12.56
N SER B 61 -16.47 12.24 12.87
CA SER B 61 -17.23 11.51 13.88
C SER B 61 -16.85 11.80 15.35
N ILE B 62 -15.72 12.48 15.60
CA ILE B 62 -15.33 12.73 16.99
C ILE B 62 -16.19 13.89 17.55
N PRO B 63 -16.81 13.73 18.74
CA PRO B 63 -17.63 14.88 19.23
C PRO B 63 -16.81 16.16 19.20
N GLN B 64 -17.40 17.21 18.64
CA GLN B 64 -16.75 18.54 18.55
C GLN B 64 -16.03 19.05 19.76
N LYS B 65 -16.62 18.83 20.96
CA LYS B 65 -16.01 19.18 22.24
C LYS B 65 -14.66 18.51 22.44
N PHE B 66 -14.51 17.30 21.90
CA PHE B 66 -13.34 16.47 22.20
C PHE B 66 -12.30 16.48 21.07
N ARG B 67 -12.50 17.30 20.06
CA ARG B 67 -11.48 17.41 19.01
C ARG B 67 -10.89 18.85 18.88
N PRO B 68 -9.58 18.96 18.52
CA PRO B 68 -8.59 17.88 18.32
C PRO B 68 -8.31 17.06 19.61
N LEU B 69 -7.96 15.79 19.46
CA LEU B 69 -7.59 14.97 20.62
C LEU B 69 -6.45 15.66 21.38
N PRO B 70 -6.66 16.01 22.68
CA PRO B 70 -5.66 16.72 23.54
C PRO B 70 -4.32 16.05 23.75
N LYS B 71 -3.24 16.85 23.71
CA LYS B 71 -1.91 16.41 24.15
C LYS B 71 -1.27 15.48 23.10
N ARG B 72 -1.85 15.46 21.90
CA ARG B 72 -1.33 14.68 20.79
C ARG B 72 -1.37 15.56 19.56
N ILE B 73 -0.34 15.51 18.73
CA ILE B 73 -0.43 16.12 17.39
C ILE B 73 -1.47 15.39 16.50
N ASN B 74 -2.52 16.12 16.07
CA ASN B 74 -3.55 15.55 15.17
C ASN B 74 -3.34 15.90 13.72
N VAL B 75 -3.52 14.87 12.88
CA VAL B 75 -3.39 14.96 11.43
C VAL B 75 -4.62 14.33 10.82
N VAL B 76 -5.29 15.14 10.00
CA VAL B 76 -6.50 14.74 9.29
C VAL B 76 -6.13 14.64 7.82
N VAL B 77 -6.49 13.51 7.23
CA VAL B 77 -6.19 13.27 5.82
C VAL B 77 -7.43 13.30 4.96
N SER B 78 -7.33 14.04 3.86
CA SER B 78 -8.48 14.30 2.93
C SER B 78 -7.92 14.60 1.59
N ARG B 79 -8.39 13.92 0.56
CA ARG B 79 -7.83 14.09 -0.79
C ARG B 79 -8.06 15.53 -1.25
N SER B 80 -9.03 16.22 -0.65
CA SER B 80 -9.31 17.62 -1.07
C SER B 80 -8.56 18.74 -0.27
N PHE B 81 -7.62 18.34 0.60
CA PHE B 81 -6.72 19.35 1.23
C PHE B 81 -5.52 19.39 0.28
N ASP B 82 -4.39 20.02 0.60
CA ASP B 82 -3.77 21.16 -0.13
C ASP B 82 -2.35 20.58 -0.42
N GLY B 83 -1.80 19.78 0.51
CA GLY B 83 -0.54 19.00 0.30
C GLY B 83 -0.23 18.54 1.70
N GLU B 84 1.01 18.27 2.13
CA GLU B 84 1.64 16.96 2.27
C GLU B 84 1.40 16.93 3.80
N LEU B 85 1.47 18.12 4.41
CA LEU B 85 1.35 18.33 5.85
C LEU B 85 1.38 19.84 6.17
N ARG B 86 0.20 20.41 6.45
CA ARG B 86 0.03 21.84 6.60
C ARG B 86 -0.62 22.04 7.95
N LYS B 87 -0.06 22.94 8.76
CA LYS B 87 -0.68 23.31 10.03
C LYS B 87 -1.88 24.15 9.68
N VAL B 88 -3.06 23.80 10.17
CA VAL B 88 -4.28 24.58 9.85
C VAL B 88 -4.85 25.26 11.10
N GLU B 89 -4.56 24.70 12.29
CA GLU B 89 -4.95 25.32 13.57
C GLU B 89 -4.13 24.71 14.68
N ASP B 90 -4.26 25.29 15.88
CA ASP B 90 -3.51 24.77 17.00
C ASP B 90 -3.91 23.30 17.20
N GLY B 91 -2.90 22.43 17.19
CA GLY B 91 -3.16 21.00 17.41
C GLY B 91 -3.62 20.22 16.17
N ILE B 92 -3.78 20.91 15.02
CA ILE B 92 -4.34 20.27 13.76
C ILE B 92 -3.53 20.53 12.49
N TYR B 93 -3.05 19.44 11.89
CA TYR B 93 -2.38 19.45 10.58
C TYR B 93 -3.26 18.79 9.57
N HIS B 94 -3.25 19.33 8.36
CA HIS B 94 -4.00 18.75 7.26
C HIS B 94 -3.05 18.20 6.21
N SER B 95 -3.38 17.00 5.71
CA SER B 95 -2.63 16.34 4.65
C SER B 95 -3.54 15.75 3.58
N ASN B 96 -3.08 15.84 2.35
CA ASN B 96 -3.76 15.17 1.25
C ASN B 96 -3.23 13.82 0.88
N SER B 97 -2.41 13.23 1.76
CA SER B 97 -1.77 11.95 1.46
C SER B 97 -1.33 11.21 2.72
N LEU B 98 -1.98 10.08 3.02
CA LEU B 98 -1.51 9.16 4.12
C LEU B 98 0.04 9.15 4.06
N ARG B 99 0.64 8.87 2.90
CA ARG B 99 1.85 8.06 2.79
C ARG B 99 2.88 9.22 2.85
N ASN B 100 2.57 10.34 2.20
CA ASN B 100 3.49 11.48 2.19
C ASN B 100 3.43 12.22 3.59
N CYS B 101 2.29 12.20 4.28
CA CYS B 101 2.28 12.72 5.67
C CYS B 101 3.36 12.00 6.48
N LEU B 102 3.61 10.73 6.25
CA LEU B 102 3.99 9.81 7.22
C LEU B 102 5.53 10.12 6.92
N THR B 103 5.91 10.17 5.65
CA THR B 103 7.30 10.57 5.29
C THR B 103 7.72 11.95 5.85
N ALA B 104 6.82 12.94 5.72
CA ALA B 104 7.03 14.27 6.28
C ALA B 104 7.19 14.24 7.81
N LEU B 105 6.32 13.51 8.48
CA LEU B 105 6.52 13.39 9.93
C LEU B 105 7.75 12.65 10.51
N GLN B 106 8.21 11.57 9.85
CA GLN B 106 9.67 11.21 9.81
C GLN B 106 10.95 12.06 9.66
N SER B 107 10.87 13.23 9.03
CA SER B 107 12.02 14.08 8.90
C SER B 107 12.40 14.58 10.28
N SER B 108 13.59 14.18 10.73
CA SER B 108 14.17 14.66 12.00
C SER B 108 14.44 16.19 11.97
N LEU B 109 14.61 16.73 10.77
CA LEU B 109 14.69 18.18 10.64
C LEU B 109 13.37 18.86 10.99
N ALA B 110 12.26 18.35 10.46
CA ALA B 110 10.96 18.96 10.71
C ALA B 110 10.47 18.67 12.14
N ASN B 111 10.80 17.50 12.67
CA ASN B 111 10.18 17.02 13.92
C ASN B 111 11.09 16.97 15.15
N GLU B 112 12.42 17.21 14.97
CA GLU B 112 13.24 17.96 16.01
C GLU B 112 13.52 16.75 16.92
N ASN B 113 13.31 15.55 16.38
CA ASN B 113 13.22 14.33 17.18
C ASN B 113 12.35 14.42 18.45
N LYS B 114 11.25 15.18 18.39
CA LYS B 114 10.28 15.25 19.50
C LYS B 114 8.89 14.55 19.31
N ILE B 115 8.76 13.62 18.33
CA ILE B 115 7.57 12.68 18.18
C ILE B 115 8.21 11.44 18.80
N GLU B 116 7.63 10.86 19.84
CA GLU B 116 7.73 9.41 20.08
C GLU B 116 7.20 8.30 19.17
N ARG B 117 5.88 8.29 18.91
CA ARG B 117 5.28 7.35 18.00
C ARG B 117 4.25 8.08 17.18
N ILE B 118 3.93 7.47 16.07
CA ILE B 118 2.86 7.88 15.20
C ILE B 118 1.81 6.77 15.28
N TYR B 119 0.63 7.15 15.78
CA TYR B 119 -0.54 6.28 15.85
C TYR B 119 -1.50 6.62 14.70
N ILE B 120 -1.82 5.61 13.93
CA ILE B 120 -2.87 5.67 12.96
C ILE B 120 -4.17 5.15 13.64
N ILE B 121 -5.17 6.04 13.75
CA ILE B 121 -6.34 5.81 14.65
C ILE B 121 -7.66 5.63 13.88
N GLY B 122 -7.55 5.40 12.55
CA GLY B 122 -8.68 4.99 11.73
C GLY B 122 -9.08 5.97 10.62
N GLY B 123 -10.11 5.66 9.82
CA GLY B 123 -10.95 4.46 10.05
C GLY B 123 -10.66 3.37 9.02
N GLY B 124 -11.71 2.77 8.46
CA GLY B 124 -11.60 1.53 7.65
C GLY B 124 -10.67 1.78 6.43
N GLU B 125 -10.95 2.86 5.73
CA GLU B 125 -10.25 3.15 4.52
C GLU B 125 -8.78 3.44 4.81
N ILE B 126 -8.52 4.21 5.87
CA ILE B 126 -7.15 4.50 6.28
C ILE B 126 -6.45 3.23 6.71
N TYR B 127 -7.15 2.40 7.50
CA TYR B 127 -6.54 1.12 7.96
C TYR B 127 -6.14 0.17 6.81
N ARG B 128 -7.02 0.12 5.78
CA ARG B 128 -6.84 -0.65 4.52
C ARG B 128 -5.46 -0.33 3.92
N GLN B 129 -5.14 0.95 3.92
CA GLN B 129 -3.92 1.42 3.30
C GLN B 129 -2.73 1.33 4.25
N SER B 130 -2.94 0.95 5.51
CA SER B 130 -1.87 1.06 6.50
C SER B 130 -1.19 -0.26 6.77
N MET B 131 -1.71 -1.33 6.19
CA MET B 131 -1.12 -2.66 6.43
C MET B 131 0.35 -2.66 5.93
N ASP B 132 0.57 -1.90 4.88
CA ASP B 132 1.86 -1.86 4.19
C ASP B 132 2.80 -0.94 4.96
N LEU B 133 2.26 -0.16 5.89
CA LEU B 133 2.97 0.97 6.50
C LEU B 133 3.29 0.81 7.97
N ALA B 134 2.41 0.18 8.73
CA ALA B 134 2.60 0.09 10.16
C ALA B 134 3.67 -0.93 10.55
N ASP B 135 4.39 -0.63 11.62
CA ASP B 135 5.34 -1.57 12.17
C ASP B 135 4.65 -2.53 13.12
N HIS B 136 3.53 -2.10 13.75
CA HIS B 136 2.87 -2.89 14.79
C HIS B 136 1.42 -2.54 14.69
N TRP B 137 0.57 -3.38 15.27
CA TRP B 137 -0.85 -3.02 15.44
C TRP B 137 -1.23 -3.28 16.88
N LEU B 138 -1.87 -2.29 17.51
CA LEU B 138 -2.49 -2.53 18.85
C LEU B 138 -3.98 -2.74 18.58
N ILE B 139 -4.42 -3.98 18.79
CA ILE B 139 -5.80 -4.37 18.50
C ILE B 139 -6.49 -4.78 19.78
N THR B 140 -7.57 -4.07 20.12
CA THR B 140 -8.49 -4.57 21.12
C THR B 140 -9.49 -5.55 20.48
N LYS B 141 -9.38 -6.81 20.87
CA LYS B 141 -10.22 -7.87 20.29
C LYS B 141 -11.46 -8.00 21.17
N ILE B 142 -12.59 -7.65 20.57
CA ILE B 142 -13.82 -7.52 21.32
C ILE B 142 -14.75 -8.74 21.00
N MET B 143 -15.35 -9.31 22.05
CA MET B 143 -16.18 -10.54 22.00
C MET B 143 -17.44 -10.26 22.78
N PRO B 144 -18.62 -10.35 22.15
CA PRO B 144 -19.85 -10.27 23.00
C PRO B 144 -19.94 -11.46 23.91
N LEU B 145 -20.33 -11.20 25.15
CA LEU B 145 -20.54 -12.28 26.12
C LEU B 145 -21.80 -13.10 25.68
N PRO B 146 -21.96 -14.32 26.22
CA PRO B 146 -22.99 -15.19 25.67
C PRO B 146 -24.39 -14.57 25.55
N GLU B 147 -24.76 -13.69 26.48
CA GLU B 147 -26.08 -13.08 26.50
C GLU B 147 -26.23 -11.82 25.60
N THR B 148 -25.13 -11.35 24.99
CA THR B 148 -25.06 -10.05 24.29
C THR B 148 -25.49 -10.32 22.84
N THR B 149 -26.57 -9.69 22.38
CA THR B 149 -26.58 -9.08 21.01
C THR B 149 -25.31 -8.63 20.29
N ILE B 150 -24.91 -9.35 19.25
CA ILE B 150 -23.82 -8.90 18.36
C ILE B 150 -24.29 -7.63 17.62
N PRO B 151 -23.53 -6.53 17.71
CA PRO B 151 -24.00 -5.31 17.06
C PRO B 151 -23.86 -5.40 15.54
N GLN B 152 -24.70 -4.67 14.82
CA GLN B 152 -24.56 -4.52 13.38
C GLN B 152 -23.31 -3.72 13.03
N MET B 153 -22.68 -4.03 11.90
CA MET B 153 -21.39 -3.45 11.51
C MET B 153 -21.30 -3.38 9.99
N ASP B 154 -20.58 -2.38 9.50
CA ASP B 154 -20.49 -2.13 8.07
C ASP B 154 -19.04 -1.82 7.65
N THR B 155 -18.13 -1.87 8.61
CA THR B 155 -16.74 -1.47 8.37
C THR B 155 -15.92 -2.50 9.10
N PHE B 156 -14.89 -3.01 8.41
CA PHE B 156 -14.12 -4.12 8.94
C PHE B 156 -12.58 -3.89 8.81
N LEU B 157 -11.84 -4.44 9.79
CA LEU B 157 -10.40 -4.58 9.67
C LEU B 157 -10.10 -5.75 8.68
N GLN B 158 -9.06 -5.62 7.88
CA GLN B 158 -8.65 -6.68 6.93
C GLN B 158 -7.84 -7.72 7.66
N LYS B 159 -8.53 -8.73 8.23
CA LYS B 159 -7.90 -9.71 9.09
C LYS B 159 -6.98 -10.53 8.20
N GLN B 160 -7.34 -10.68 6.92
CA GLN B 160 -6.53 -11.60 6.12
C GLN B 160 -5.14 -10.95 5.98
N GLU B 161 -5.14 -9.68 5.66
CA GLU B 161 -3.90 -8.95 5.37
C GLU B 161 -3.08 -8.72 6.62
N LEU B 162 -3.75 -8.54 7.76
CA LEU B 162 -3.10 -8.55 9.08
C LEU B 162 -2.35 -9.87 9.35
N GLU B 163 -3.00 -11.02 9.16
CA GLU B 163 -2.37 -12.30 9.51
C GLU B 163 -1.30 -12.76 8.51
N GLN B 164 -1.34 -12.29 7.27
CA GLN B 164 -0.22 -12.47 6.33
C GLN B 164 1.08 -11.76 6.74
N ARG B 165 0.97 -10.51 7.20
CA ARG B 165 2.14 -9.63 7.42
C ARG B 165 2.61 -9.61 8.89
N PHE B 166 1.67 -9.91 9.82
CA PHE B 166 1.97 -9.70 11.26
C PHE B 166 1.69 -10.98 12.05
N TYR B 167 2.36 -11.13 13.18
CA TYR B 167 2.10 -12.24 14.08
C TYR B 167 1.62 -11.69 15.41
N ASP B 168 0.92 -12.52 16.16
CA ASP B 168 0.44 -12.14 17.52
C ASP B 168 1.63 -12.03 18.50
N ASN B 169 2.00 -10.79 18.83
CA ASN B 169 3.17 -10.56 19.68
C ASN B 169 2.75 -10.13 21.05
N SER B 170 1.55 -10.55 21.50
CA SER B 170 1.01 -10.06 22.75
C SER B 170 1.77 -10.41 24.03
N ASP B 171 2.63 -11.44 24.03
CA ASP B 171 3.53 -11.64 25.21
C ASP B 171 4.39 -10.38 25.36
N LYS B 172 4.47 -9.53 24.34
CA LYS B 172 5.33 -8.37 24.52
C LYS B 172 4.51 -7.09 24.67
N LEU B 173 3.19 -7.21 24.83
CA LEU B 173 2.35 -6.02 24.95
C LEU B 173 2.74 -5.07 26.12
N VAL B 174 2.87 -5.63 27.32
CA VAL B 174 3.22 -4.86 28.50
C VAL B 174 4.47 -4.04 28.35
N ASP B 175 5.54 -4.66 27.88
CA ASP B 175 6.80 -3.97 27.62
C ASP B 175 6.67 -2.85 26.60
N PHE B 176 5.78 -3.07 25.63
CA PHE B 176 5.58 -2.20 24.47
C PHE B 176 4.83 -0.93 24.86
N LEU B 177 3.93 -1.03 25.83
CA LEU B 177 3.14 0.14 26.22
C LEU B 177 3.96 1.19 27.02
N PRO B 178 3.63 2.49 26.86
CA PRO B 178 4.31 3.56 27.63
C PRO B 178 4.33 3.11 29.12
N SER B 179 5.48 3.27 29.77
CA SER B 179 5.74 2.56 31.01
C SER B 179 4.74 2.91 32.11
N SER B 180 4.21 4.13 32.10
CA SER B 180 3.34 4.53 33.19
C SER B 180 1.87 4.06 33.10
N ILE B 181 1.48 3.40 32.00
CA ILE B 181 0.11 2.85 31.92
C ILE B 181 -0.09 1.72 32.95
N GLN B 182 -1.30 1.59 33.50
CA GLN B 182 -1.59 0.40 34.31
C GLN B 182 -2.80 -0.38 33.80
N LEU B 183 -2.64 -1.69 33.75
CA LEU B 183 -3.67 -2.57 33.22
C LEU B 183 -4.22 -3.44 34.34
N GLU B 184 -5.54 -3.67 34.38
CA GLU B 184 -6.16 -4.62 35.35
C GLU B 184 -5.89 -6.04 34.93
N GLY B 185 -5.63 -6.26 33.64
CA GLY B 185 -5.38 -7.65 33.08
C GLY B 185 -4.20 -8.25 33.93
N ARG B 186 -3.95 -9.56 33.84
CA ARG B 186 -2.98 -10.08 32.85
C ARG B 186 -3.31 -11.34 32.06
N LEU B 187 -2.31 -12.00 31.50
CA LEU B 187 -2.07 -12.00 30.11
C LEU B 187 -2.46 -13.48 29.90
N THR B 188 -3.32 -13.87 28.98
CA THR B 188 -4.45 -14.79 29.17
C THR B 188 -4.57 -15.33 27.74
N SER B 189 -4.57 -16.64 27.58
CA SER B 189 -4.90 -17.29 26.29
C SER B 189 -6.20 -18.04 26.36
N GLN B 190 -7.21 -17.58 25.61
CA GLN B 190 -8.51 -18.15 25.66
C GLN B 190 -8.93 -18.53 24.26
N GLU B 191 -9.46 -19.75 24.10
CA GLU B 191 -10.10 -20.09 22.84
C GLU B 191 -11.48 -19.45 22.72
N TRP B 192 -11.75 -18.87 21.54
CA TRP B 192 -13.07 -18.29 21.26
C TRP B 192 -13.46 -18.45 19.80
N ASN B 193 -14.47 -19.29 19.58
CA ASN B 193 -14.91 -19.71 18.23
C ASN B 193 -14.03 -20.15 17.04
N GLY B 194 -13.19 -21.19 17.10
CA GLY B 194 -12.18 -21.44 18.08
C GLY B 194 -10.91 -20.81 17.42
N GLU B 195 -10.77 -19.49 17.60
CA GLU B 195 -9.49 -18.83 17.43
C GLU B 195 -8.82 -18.60 18.82
N LEU B 196 -7.51 -18.50 18.81
CA LEU B 196 -6.74 -18.31 19.99
C LEU B 196 -6.65 -16.81 20.24
N VAL B 197 -7.16 -16.43 21.39
CA VAL B 197 -7.13 -15.06 21.76
C VAL B 197 -6.36 -14.73 23.01
N LYS B 198 -5.39 -13.82 22.97
CA LYS B 198 -4.14 -13.82 23.74
C LYS B 198 -3.92 -12.29 23.99
N GLY B 199 -3.83 -11.85 25.25
CA GLY B 199 -3.45 -10.46 25.69
C GLY B 199 -4.33 -10.35 26.92
N LEU B 200 -4.90 -9.20 27.25
CA LEU B 200 -4.77 -8.58 28.52
C LEU B 200 -6.20 -8.18 28.88
N PRO B 201 -6.94 -8.97 29.67
CA PRO B 201 -8.35 -9.20 29.43
C PRO B 201 -9.12 -8.07 30.23
N VAL B 202 -10.27 -7.58 29.70
CA VAL B 202 -11.16 -6.67 30.41
C VAL B 202 -12.63 -7.09 30.08
N GLN B 203 -13.54 -6.81 31.01
CA GLN B 203 -14.97 -6.95 30.76
C GLN B 203 -15.68 -5.65 31.08
N GLU B 204 -16.57 -5.24 30.18
CA GLU B 204 -17.37 -4.05 30.41
C GLU B 204 -18.66 -4.14 29.62
N LYS B 205 -19.75 -3.79 30.30
CA LYS B 205 -21.09 -3.88 29.75
C LYS B 205 -21.28 -5.29 29.14
N GLY B 206 -21.73 -5.43 27.93
CA GLY B 206 -21.99 -6.84 27.51
C GLY B 206 -20.79 -7.59 26.90
N TYR B 207 -19.59 -7.03 27.02
CA TYR B 207 -18.41 -7.48 26.22
C TYR B 207 -17.24 -7.92 27.07
N GLN B 208 -16.51 -8.93 26.60
CA GLN B 208 -15.18 -9.20 27.11
C GLN B 208 -14.20 -8.66 26.05
N PHE B 209 -13.10 -8.02 26.46
CA PHE B 209 -12.12 -7.61 25.44
C PHE B 209 -10.69 -7.85 25.86
N TYR B 210 -9.80 -7.95 24.87
CA TYR B 210 -8.43 -8.29 25.12
C TYR B 210 -7.64 -7.23 24.40
N PHE B 211 -6.76 -6.57 25.15
CA PHE B 211 -5.70 -5.77 24.56
C PHE B 211 -4.57 -6.68 24.00
N THR B 212 -4.32 -6.57 22.68
CA THR B 212 -3.25 -7.37 21.99
C THR B 212 -2.27 -6.54 21.15
N LEU B 213 -1.14 -7.13 20.84
CA LEU B 213 -0.09 -6.49 20.02
C LEU B 213 0.28 -7.44 18.82
N TYR B 214 0.20 -6.94 17.61
CA TYR B 214 0.69 -7.65 16.43
C TYR B 214 1.95 -6.96 15.93
N THR B 215 2.96 -7.75 15.61
CA THR B 215 4.30 -7.23 15.14
C THR B 215 4.62 -7.81 13.76
N LYS B 216 5.37 -7.10 12.92
CA LYS B 216 5.68 -7.55 11.57
C LYS B 216 6.47 -8.85 11.64
N LYS B 217 6.14 -9.80 10.78
CA LYS B 217 6.82 -11.07 10.77
C LYS B 217 8.20 -10.77 10.17
N LEU B 218 9.12 -11.70 10.45
CA LEU B 218 10.50 -11.53 9.99
C LEU B 218 10.49 -11.60 8.47
N GLU B 219 11.47 -10.92 7.86
CA GLU B 219 11.57 -10.86 6.40
C GLU B 219 12.90 -11.38 5.92
N HIS B 220 12.86 -12.14 4.83
CA HIS B 220 14.04 -12.56 4.13
C HIS B 220 14.72 -11.35 3.51
N HIS B 221 16.03 -11.49 3.32
CA HIS B 221 16.89 -10.46 2.70
C HIS B 221 16.98 -10.77 1.20
N HIS B 222 16.22 -10.04 0.41
CA HIS B 222 16.20 -10.21 -1.04
C HIS B 222 17.09 -9.20 -1.73
N HIS B 223 16.99 -7.97 -1.28
CA HIS B 223 17.75 -6.87 -1.89
C HIS B 223 17.93 -5.75 -0.90
N HIS B 224 19.11 -5.16 -0.91
CA HIS B 224 19.37 -3.91 -0.19
C HIS B 224 19.94 -2.93 -1.22
N HIS B 225 19.28 -1.78 -1.39
CA HIS B 225 19.71 -0.77 -2.36
C HIS B 225 21.12 -0.26 -2.14
N HIS B 226 22.00 -0.42 -3.13
CA HIS B 226 23.36 0.15 -3.13
C HIS B 226 23.62 1.25 -4.16
N HIS B 227 24.27 2.31 -3.70
CA HIS B 227 24.84 3.32 -4.57
C HIS B 227 26.05 2.77 -5.30
PA NDP C . 5.77 9.57 -11.04
O1A NDP C . 5.62 8.39 -10.23
O2A NDP C . 5.68 9.35 -12.51
O5B NDP C . 4.77 10.71 -10.55
C5B NDP C . 4.73 11.00 -9.17
C4B NDP C . 3.56 11.98 -9.04
O4B NDP C . 2.38 11.22 -9.15
C3B NDP C . 3.39 12.67 -7.67
O3B NDP C . 4.25 13.82 -7.50
C2B NDP C . 1.88 12.96 -7.67
O2B NDP C . 1.62 14.03 -8.55
C1B NDP C . 1.30 11.74 -8.36
N9A NDP C . 0.92 10.69 -7.41
C8A NDP C . 1.75 9.82 -6.75
N7A NDP C . 1.01 9.00 -5.93
C5A NDP C . -0.28 9.37 -6.09
C6A NDP C . -1.48 8.89 -5.58
N6A NDP C . -1.55 7.88 -4.70
N1A NDP C . -2.64 9.51 -5.97
C2A NDP C . -2.70 10.57 -6.83
N3A NDP C . -1.50 11.03 -7.35
C4A NDP C . -0.34 10.43 -7.00
O3 NDP C . 7.17 10.24 -10.55
PN NDP C . 8.63 9.68 -10.12
O1N NDP C . 9.42 10.91 -10.21
O2N NDP C . 8.60 8.96 -8.84
O5D NDP C . 9.09 8.69 -11.31
C5D NDP C . 9.52 9.31 -12.54
C4D NDP C . 10.81 8.65 -13.03
O4D NDP C . 10.43 7.32 -13.37
C3D NDP C . 11.40 9.27 -14.30
O3D NDP C . 12.80 9.13 -14.25
C2D NDP C . 10.91 8.33 -15.40
O2D NDP C . 11.78 8.29 -16.52
C1D NDP C . 10.86 6.99 -14.68
N1N NDP C . 10.00 6.00 -15.37
C2N NDP C . 10.61 4.83 -15.72
C3N NDP C . 9.92 3.82 -16.39
C7N NDP C . 10.68 2.58 -16.81
O7N NDP C . 9.90 1.55 -17.29
N7N NDP C . 12.03 2.43 -16.78
C4N NDP C . 8.55 4.02 -16.74
C5N NDP C . 7.90 5.24 -16.39
C6N NDP C . 8.63 6.23 -15.68
P2B NDP C . 1.56 15.55 -8.04
O1X NDP C . 2.97 16.02 -7.71
O2X NDP C . 0.97 16.29 -9.24
O3X NDP C . 0.48 15.59 -6.96
C1 53V D . 7.37 0.88 -19.24
C2 53V D . 9.99 9.21 -18.91
C3 53V D . 8.66 -0.83 -20.19
C6 53V D . 7.93 1.78 -20.19
C12 53V D . 6.84 5.70 -20.13
C13 53V D . 5.31 5.98 -20.04
C14 53V D . 7.48 6.66 -21.11
C15 53V D . 8.16 7.65 -20.42
C16 53V D . 8.83 8.68 -21.08
C17 53V D . 8.80 8.67 -22.50
C18 53V D . 8.11 7.67 -23.24
C26 53V D . 10.65 8.54 -24.75
C20 53V D . 9.29 8.15 -25.39
C21 53V D . 9.28 8.25 -26.79
C22 53V D . 8.12 7.93 -27.51
C23 53V D . 6.94 7.54 -26.83
C24 53V D . 6.94 7.45 -25.43
C27 53V D . 5.60 7.01 -24.88
C25 53V D . 8.11 7.74 -24.65
C19 53V D . 7.43 6.64 -22.51
O17 53V D . 9.48 9.63 -20.32
C11 53V D . 7.26 4.30 -20.26
C10 53V D . 7.57 3.15 -20.24
C5 53V D . 8.85 1.29 -21.13
C8 53V D . 9.49 2.20 -22.21
N4 53V D . 9.17 0.00 -21.10
N7 53V D . 9.02 -2.13 -20.25
N2 53V D . 7.77 -0.40 -19.29
N9 53V D . 6.50 1.24 -18.30
PA NDP E . -12.04 7.08 7.18
O1A NDP E . -11.03 6.04 6.85
O2A NDP E . -11.94 7.65 8.55
O5B NDP E . -11.98 8.32 6.19
C5B NDP E . -11.97 8.12 4.79
C4B NDP E . -11.56 9.45 4.15
O4B NDP E . -10.18 9.71 4.36
C3B NDP E . -11.69 9.43 2.63
O3B NDP E . -13.05 9.65 2.25
C2B NDP E . -10.70 10.51 2.22
O2B NDP E . -11.19 11.76 2.54
C1B NDP E . -9.62 10.40 3.26
N9A NDP E . -8.53 9.55 2.79
C8A NDP E . -8.53 8.19 2.73
N7A NDP E . -7.33 7.79 2.25
C5A NDP E . -6.57 8.88 2.00
C6A NDP E . -5.28 9.05 1.51
N6A NDP E . -4.45 8.05 1.15
N1A NDP E . -4.85 10.33 1.38
C2A NDP E . -5.62 11.41 1.70
N3A NDP E . -6.90 11.22 2.16
C4A NDP E . -7.35 9.98 2.32
O3 NDP E . -13.44 6.47 6.78
PN NDP E . -14.16 5.06 6.77
O1N NDP E . -15.52 5.50 6.40
O2N NDP E . -13.47 4.11 5.86
O5D NDP E . -14.06 4.63 8.30
C5D NDP E . -14.86 5.32 9.28
C4D NDP E . -15.52 4.28 10.17
O4D NDP E . -14.46 3.73 10.92
C3D NDP E . -16.59 4.72 11.17
O3D NDP E . -17.58 3.70 11.39
C2D NDP E . -15.79 4.77 12.46
O2D NDP E . -16.61 4.55 13.56
C1D NDP E . -14.81 3.59 12.28
N1N NDP E . -13.65 3.63 13.21
C2N NDP E . -13.49 2.64 14.07
C3N NDP E . -12.41 2.60 14.94
C7N NDP E . -12.32 1.49 15.93
O7N NDP E . -11.13 1.38 16.59
N7N NDP E . -13.30 0.61 16.20
C4N NDP E . -11.47 3.68 14.97
C5N NDP E . -11.65 4.77 14.10
C6N NDP E . -12.73 4.72 13.22
P2B NDP E . -12.02 12.69 1.47
O1X NDP E . -13.32 12.00 1.14
O2X NDP E . -12.26 13.99 2.19
O3X NDP E . -11.05 13.06 0.37
C1 53V F . -8.93 3.47 18.20
C2 53V F . -16.08 7.19 15.11
C3 53V F . -8.94 1.83 19.86
C6 53V F . -10.06 4.05 18.82
C12 53V F . -11.68 7.42 17.16
C13 53V F . -10.65 8.43 16.67
C14 53V F . -12.92 8.01 17.77
C15 53V F . -13.93 7.96 16.81
C16 53V F . -15.21 8.44 17.06
C17 53V F . -15.42 9.00 18.34
C18 53V F . -14.42 9.06 19.34
C26 53V F . -17.09 8.47 20.24
C20 53V F . -16.14 9.37 21.02
C21 53V F . -16.64 9.95 22.21
C22 53V F . -15.86 10.82 22.98
C23 53V F . -14.56 11.10 22.53
C24 53V F . -14.04 10.54 21.34
C27 53V F . -12.60 10.95 21.00
C25 53V F . -14.82 9.64 20.56
C19 53V F . -13.12 8.56 19.05
O17 53V F . -16.20 8.36 16.06
C11 53V F . -11.14 6.24 17.85
C10 53V F . -10.64 5.24 18.30
C5 53V F . -10.61 3.49 19.99
C8 53V F . -11.85 4.07 20.75
N4 53V F . -10.02 2.38 20.47
N7 53V F . -8.42 0.74 20.41
N2 53V F . -8.39 2.37 18.78
N9 53V F . -8.39 4.00 17.09
#